data_6UZR
#
_entry.id   6UZR
#
_cell.length_a   54.367
_cell.length_b   88.717
_cell.length_c   125.483
_cell.angle_alpha   90.000
_cell.angle_beta   90.000
_cell.angle_gamma   90.000
#
_symmetry.space_group_name_H-M   'P 21 21 21'
#
loop_
_entity.id
_entity.type
_entity.pdbx_description
1 polymer 'Glutamate receptor ionotropic, NMDA 1'
2 polymer 'Glutamate receptor ionotropic, NMDA 2A'
3 non-polymer GLYCINE
4 non-polymer GLYCEROL
5 non-polymer '3-(carboxymethyl)pyridine-2-carboxylic acid'
6 water water
#
loop_
_entity_poly.entity_id
_entity_poly.type
_entity_poly.pdbx_seq_one_letter_code
_entity_poly.pdbx_strand_id
1 'polypeptide(L)'
;GMSTRLKIVTIHQEPFVYVKPTMSDGTCKEEFTVNGDPVKKVICTGPNDTSPGSPRHTVPQCCYGFCIDLLIKLARTMNF
TYEVHLVADGKFGTQERVNNSNKKEWNGMMGELLSGQADMIVAPLTINNERAQYIEFSKPFKYQGLTILVKKGTRITGIN
DPRLRNPSDKFIYATVKQSSVDIYFRRQVELSTMYRHMEKHNYESAAEAIQAVRDNKLHAFIWDSAVLEFEASQKCDLVT
TGELFFRSGFGIGMRKDSPWKQNVSLSILKSHENGFMEDLDKTWVRYQECDS
;
A
2 'polypeptide(L)'
;DDNHLSIVTLEEAPFVIVEDIDPLTETCVRNTVPCRKFVKINNSTNEGMNVKKCCKGFCIDILKKLSRTVKFTYDLYLVT
NGKHGKKVNNVWNGMIGEVVYQRAVMAVGSLTINEERSEVVDFSVPFVETGISVMVSRGTQVTGLSDKKFQRPHDYSPPF
RFGTVPNGSTERNIRNNYPYMHQYMTRFNQRGVEDALVSLKTGKLDAFIYDAAVLNYKAGRDEGCKLVTIGSGYIFATTG
YGIALQKGSPWKRQIDLALLQFVGDGEMEELETLWLTGICHN
;
B
#
# COMPACT_ATOMS: atom_id res chain seq x y z
N SER A 3 -20.85 -19.71 -18.27
CA SER A 3 -19.45 -19.38 -18.44
C SER A 3 -18.55 -20.49 -17.89
N THR A 4 -17.65 -20.13 -16.98
CA THR A 4 -16.76 -21.10 -16.34
C THR A 4 -16.37 -20.58 -14.96
N ARG A 5 -16.07 -21.51 -14.05
CA ARG A 5 -15.60 -21.13 -12.72
C ARG A 5 -14.17 -20.57 -12.81
N LEU A 6 -13.87 -19.57 -11.98
CA LEU A 6 -12.51 -19.01 -11.97
C LEU A 6 -11.53 -20.01 -11.39
N LYS A 7 -10.43 -20.22 -12.11
CA LYS A 7 -9.30 -20.99 -11.58
C LYS A 7 -8.43 -20.06 -10.73
N ILE A 8 -8.39 -20.31 -9.43
CA ILE A 8 -7.61 -19.52 -8.48
C ILE A 8 -6.32 -20.27 -8.20
N VAL A 9 -5.18 -19.58 -8.32
CA VAL A 9 -3.91 -20.17 -7.91
C VAL A 9 -3.44 -19.44 -6.66
N THR A 10 -2.90 -20.19 -5.71
CA THR A 10 -2.32 -19.60 -4.52
C THR A 10 -1.07 -20.39 -4.15
N ILE A 11 -0.53 -20.09 -2.98
CA ILE A 11 0.75 -20.66 -2.57
C ILE A 11 0.74 -20.80 -1.06
N HIS A 12 1.46 -21.80 -0.55
CA HIS A 12 1.60 -21.92 0.89
C HIS A 12 2.39 -20.73 1.45
N GLN A 13 1.82 -20.05 2.44
CA GLN A 13 2.52 -18.90 3.03
C GLN A 13 1.80 -18.42 4.28
N GLU A 14 2.12 -18.99 5.43
CA GLU A 14 1.42 -18.59 6.64
C GLU A 14 1.80 -17.16 7.01
N PRO A 15 0.87 -16.37 7.57
CA PRO A 15 -0.52 -16.66 7.95
C PRO A 15 -1.54 -16.40 6.84
N PHE A 16 -1.07 -16.17 5.62
CA PHE A 16 -1.96 -15.80 4.53
C PHE A 16 -2.62 -17.03 3.91
N VAL A 17 -1.87 -18.10 3.71
CA VAL A 17 -2.41 -19.35 3.19
C VAL A 17 -1.80 -20.49 4.00
N TYR A 18 -2.63 -21.16 4.81
CA TYR A 18 -2.29 -22.42 5.46
C TYR A 18 -2.69 -23.56 4.53
N VAL A 19 -1.90 -24.63 4.52
CA VAL A 19 -2.17 -25.80 3.70
C VAL A 19 -2.05 -27.05 4.57
N LYS A 20 -3.13 -27.81 4.68
CA LYS A 20 -3.16 -28.98 5.55
C LYS A 20 -3.76 -30.15 4.80
N PRO A 21 -3.44 -31.37 5.21
CA PRO A 21 -4.06 -32.55 4.60
C PRO A 21 -5.56 -32.58 4.84
N THR A 22 -6.30 -33.20 3.90
CA THR A 22 -7.69 -33.47 4.19
C THR A 22 -7.79 -34.59 5.20
N MET A 23 -8.98 -34.75 5.77
CA MET A 23 -9.22 -35.92 6.58
C MET A 23 -9.38 -37.14 5.68
N SER A 24 -9.49 -38.32 6.31
CA SER A 24 -9.61 -39.56 5.55
C SER A 24 -10.77 -39.52 4.57
N ASP A 25 -11.87 -38.86 4.93
CA ASP A 25 -13.04 -38.83 4.05
C ASP A 25 -12.98 -37.73 3.02
N GLY A 26 -11.84 -37.05 2.88
CA GLY A 26 -11.70 -36.02 1.88
C GLY A 26 -12.19 -34.65 2.29
N THR A 27 -12.67 -34.49 3.52
CA THR A 27 -13.17 -33.21 4.00
C THR A 27 -12.11 -32.51 4.85
N CYS A 28 -12.39 -31.27 5.22
CA CYS A 28 -11.49 -30.46 6.04
CA CYS A 28 -11.47 -30.49 6.05
C CYS A 28 -11.98 -30.43 7.48
N LYS A 29 -11.09 -30.73 8.43
CA LYS A 29 -11.45 -30.72 9.84
C LYS A 29 -11.99 -29.36 10.25
N GLU A 30 -13.07 -29.36 11.04
CA GLU A 30 -13.64 -28.12 11.53
C GLU A 30 -12.73 -27.53 12.62
N GLU A 31 -12.39 -26.26 12.50
CA GLU A 31 -11.60 -25.57 13.51
C GLU A 31 -12.16 -24.18 13.75
N PHE A 32 -11.71 -23.56 14.83
CA PHE A 32 -12.18 -22.23 15.20
C PHE A 32 -11.00 -21.27 15.24
N THR A 33 -11.25 -20.00 14.91
CA THR A 33 -10.20 -18.99 14.97
C THR A 33 -9.88 -18.67 16.43
N VAL A 34 -8.86 -17.82 16.63
CA VAL A 34 -8.53 -17.38 17.98
C VAL A 34 -9.66 -16.58 18.59
N ASN A 35 -10.58 -16.06 17.78
CA ASN A 35 -11.72 -15.30 18.29
C ASN A 35 -12.98 -16.13 18.40
N GLY A 36 -12.90 -17.43 18.14
CA GLY A 36 -14.02 -18.35 18.37
C GLY A 36 -14.92 -18.59 17.16
N ASP A 37 -14.64 -17.95 16.01
CA ASP A 37 -15.46 -18.14 14.82
C ASP A 37 -14.99 -19.38 14.05
N PRO A 38 -15.87 -20.05 13.31
CA PRO A 38 -15.41 -21.20 12.52
C PRO A 38 -14.45 -20.74 11.43
N VAL A 39 -13.41 -21.52 11.21
CA VAL A 39 -12.48 -21.23 10.12
C VAL A 39 -13.13 -21.66 8.82
N LYS A 40 -13.16 -20.76 7.83
CA LYS A 40 -13.64 -21.12 6.50
C LYS A 40 -12.51 -21.82 5.75
N LYS A 41 -12.75 -23.03 5.29
CA LYS A 41 -11.72 -23.78 4.59
C LYS A 41 -12.20 -24.11 3.19
N VAL A 42 -11.27 -24.17 2.23
CA VAL A 42 -11.62 -24.58 0.87
CA VAL A 42 -11.64 -24.61 0.89
C VAL A 42 -10.73 -25.75 0.49
N ILE A 43 -11.24 -26.61 -0.38
CA ILE A 43 -10.39 -27.66 -0.95
C ILE A 43 -9.50 -27.03 -2.01
N CYS A 44 -8.20 -27.29 -1.91
CA CYS A 44 -7.23 -26.78 -2.87
C CYS A 44 -6.37 -27.95 -3.31
N THR A 45 -6.32 -28.20 -4.61
CA THR A 45 -5.51 -29.31 -5.09
C THR A 45 -4.09 -28.83 -5.30
N GLY A 46 -3.14 -29.72 -5.07
CA GLY A 46 -1.76 -29.35 -5.27
C GLY A 46 -0.79 -30.49 -5.07
N PRO A 47 0.45 -30.29 -5.49
CA PRO A 47 1.44 -31.36 -5.33
C PRO A 47 1.76 -31.54 -3.86
N ASN A 48 1.89 -32.82 -3.47
CA ASN A 48 2.44 -33.13 -2.16
C ASN A 48 3.96 -33.13 -2.19
N ASP A 49 4.54 -33.79 -3.19
CA ASP A 49 5.98 -33.78 -3.38
C ASP A 49 6.43 -32.43 -3.92
N THR A 50 7.48 -31.87 -3.32
CA THR A 50 7.98 -30.57 -3.72
C THR A 50 9.51 -30.52 -3.85
N SER A 51 10.17 -31.68 -3.88
CA SER A 51 11.61 -31.69 -4.06
C SER A 51 11.95 -31.33 -5.50
N PRO A 52 12.90 -30.41 -5.73
CA PRO A 52 13.14 -29.93 -7.11
C PRO A 52 13.57 -31.06 -8.04
N GLY A 53 13.10 -30.99 -9.27
CA GLY A 53 13.45 -31.96 -10.29
C GLY A 53 12.75 -33.29 -10.20
N SER A 54 11.67 -33.39 -9.45
CA SER A 54 10.91 -34.63 -9.26
C SER A 54 9.49 -34.49 -9.80
N PRO A 55 8.83 -35.61 -10.14
CA PRO A 55 7.44 -35.53 -10.60
C PRO A 55 6.52 -34.95 -9.52
N ARG A 56 5.48 -34.23 -9.97
CA ARG A 56 4.55 -33.54 -9.09
CA ARG A 56 4.56 -33.55 -9.09
C ARG A 56 3.24 -34.32 -9.02
N HIS A 57 2.97 -34.94 -7.87
CA HIS A 57 1.75 -35.72 -7.67
C HIS A 57 0.71 -34.87 -6.96
N THR A 58 -0.36 -34.49 -7.68
CA THR A 58 -1.35 -33.59 -7.12
C THR A 58 -2.45 -34.34 -6.36
N VAL A 59 -2.84 -33.77 -5.22
CA VAL A 59 -3.85 -34.35 -4.33
C VAL A 59 -4.65 -33.23 -3.71
N PRO A 60 -5.90 -33.50 -3.37
CA PRO A 60 -6.71 -32.49 -2.69
C PRO A 60 -6.14 -32.21 -1.31
N GLN A 61 -6.16 -30.94 -0.93
CA GLN A 61 -5.65 -30.48 0.35
C GLN A 61 -6.62 -29.43 0.88
N CYS A 62 -6.37 -28.95 2.08
CA CYS A 62 -7.22 -27.96 2.73
CA CYS A 62 -7.21 -27.96 2.73
C CYS A 62 -6.46 -26.65 2.87
N CYS A 63 -7.06 -25.54 2.43
CA CYS A 63 -6.46 -24.22 2.47
CA CYS A 63 -6.40 -24.26 2.60
C CYS A 63 -7.33 -23.26 3.26
N TYR A 64 -6.72 -22.37 4.04
CA TYR A 64 -7.47 -21.37 4.80
C TYR A 64 -6.48 -20.29 5.20
N GLY A 65 -7.02 -19.18 5.73
CA GLY A 65 -6.15 -18.08 6.13
C GLY A 65 -6.63 -16.76 5.58
N PHE A 66 -5.81 -15.72 5.80
CA PHE A 66 -6.13 -14.35 5.39
C PHE A 66 -6.56 -14.29 3.92
N CYS A 67 -5.75 -14.87 3.03
CA CYS A 67 -6.05 -14.75 1.60
C CYS A 67 -7.26 -15.59 1.21
N ILE A 68 -7.48 -16.73 1.88
CA ILE A 68 -8.68 -17.51 1.59
C ILE A 68 -9.94 -16.76 2.02
N ASP A 69 -9.92 -16.17 3.23
CA ASP A 69 -11.02 -15.30 3.64
C ASP A 69 -11.26 -14.20 2.62
N LEU A 70 -10.18 -13.60 2.10
CA LEU A 70 -10.36 -12.52 1.13
C LEU A 70 -10.96 -13.04 -0.17
N LEU A 71 -10.51 -14.22 -0.62
CA LEU A 71 -11.10 -14.83 -1.81
C LEU A 71 -12.59 -15.02 -1.64
N ILE A 72 -13.00 -15.59 -0.51
CA ILE A 72 -14.40 -15.89 -0.26
C ILE A 72 -15.22 -14.59 -0.27
N LYS A 73 -14.66 -13.53 0.30
CA LYS A 73 -15.31 -12.22 0.29
C LYS A 73 -15.49 -11.70 -1.15
N LEU A 74 -14.41 -11.74 -1.94
CA LEU A 74 -14.51 -11.33 -3.34
C LEU A 74 -15.54 -12.16 -4.10
N ALA A 75 -15.55 -13.48 -3.90
CA ALA A 75 -16.48 -14.31 -4.67
C ALA A 75 -17.93 -14.04 -4.28
N ARG A 76 -18.19 -13.78 -3.00
CA ARG A 76 -19.53 -13.40 -2.56
C ARG A 76 -19.92 -12.04 -3.12
N THR A 77 -19.01 -11.07 -3.03
CA THR A 77 -19.30 -9.70 -3.46
C THR A 77 -19.62 -9.65 -4.95
N MET A 78 -18.76 -10.24 -5.76
CA MET A 78 -18.87 -10.14 -7.21
C MET A 78 -19.63 -11.32 -7.81
N ASN A 79 -19.98 -12.31 -7.00
CA ASN A 79 -20.83 -13.42 -7.43
C ASN A 79 -20.16 -14.24 -8.53
N PHE A 80 -18.97 -14.76 -8.22
CA PHE A 80 -18.36 -15.77 -9.06
C PHE A 80 -18.12 -17.04 -8.24
N THR A 81 -18.02 -18.15 -8.95
CA THR A 81 -17.60 -19.43 -8.39
C THR A 81 -16.15 -19.68 -8.75
N TYR A 82 -15.51 -20.57 -8.01
CA TYR A 82 -14.07 -20.74 -8.16
C TYR A 82 -13.66 -22.15 -7.76
N GLU A 83 -12.46 -22.53 -8.19
CA GLU A 83 -11.76 -23.70 -7.68
C GLU A 83 -10.30 -23.32 -7.47
N VAL A 84 -9.74 -23.70 -6.33
CA VAL A 84 -8.42 -23.25 -5.88
C VAL A 84 -7.42 -24.37 -6.12
N HIS A 85 -6.22 -24.02 -6.58
CA HIS A 85 -5.12 -24.96 -6.60
C HIS A 85 -3.84 -24.24 -6.21
N LEU A 86 -2.88 -25.03 -5.73
CA LEU A 86 -1.56 -24.55 -5.33
C LEU A 86 -0.63 -24.56 -6.53
N VAL A 87 0.16 -23.49 -6.65
CA VAL A 87 1.08 -23.36 -7.77
C VAL A 87 1.98 -24.59 -7.88
N ALA A 88 2.08 -25.13 -9.09
CA ALA A 88 2.71 -26.45 -9.26
C ALA A 88 4.18 -26.40 -8.90
N ASP A 89 4.90 -25.33 -9.26
CA ASP A 89 6.32 -25.30 -8.97
C ASP A 89 6.65 -24.68 -7.62
N GLY A 90 5.64 -24.28 -6.86
CA GLY A 90 5.90 -23.80 -5.52
C GLY A 90 6.46 -22.39 -5.41
N LYS A 91 6.46 -21.60 -6.49
CA LYS A 91 7.14 -20.31 -6.49
C LYS A 91 6.17 -19.16 -6.76
N PHE A 92 6.56 -17.96 -6.32
CA PHE A 92 5.75 -16.78 -6.57
C PHE A 92 5.82 -16.36 -8.03
N GLY A 93 7.03 -16.17 -8.57
CA GLY A 93 7.14 -15.89 -9.99
C GLY A 93 8.12 -14.80 -10.35
N THR A 94 9.13 -15.18 -11.14
CA THR A 94 10.06 -14.25 -11.75
C THR A 94 10.18 -14.57 -13.23
N GLN A 95 10.72 -13.62 -13.98
CA GLN A 95 10.97 -13.82 -15.40
C GLN A 95 12.46 -14.08 -15.57
N GLU A 96 12.81 -15.24 -16.14
CA GLU A 96 14.19 -15.67 -16.25
CA GLU A 96 14.20 -15.63 -16.25
C GLU A 96 14.58 -15.88 -17.70
N ARG A 97 15.86 -15.67 -18.01
CA ARG A 97 16.35 -16.00 -19.34
C ARG A 97 16.51 -17.51 -19.44
N VAL A 98 16.26 -18.02 -20.63
CA VAL A 98 16.37 -19.45 -20.88
C VAL A 98 17.80 -19.81 -21.30
N SER A 101 19.85 -18.99 -24.53
CA SER A 101 18.67 -18.55 -25.28
C SER A 101 18.37 -17.07 -24.99
N ASN A 102 17.75 -16.39 -25.98
CA ASN A 102 17.35 -15.00 -25.80
C ASN A 102 15.91 -14.86 -25.32
N LYS A 103 15.14 -15.94 -25.30
CA LYS A 103 13.78 -15.92 -24.77
C LYS A 103 13.80 -15.79 -23.24
N LYS A 104 12.70 -15.27 -22.70
CA LYS A 104 12.46 -15.22 -21.27
C LYS A 104 11.11 -15.85 -20.98
N GLU A 105 10.99 -16.53 -19.84
CA GLU A 105 9.75 -17.15 -19.42
C GLU A 105 9.44 -16.77 -17.98
N TRP A 106 8.16 -16.70 -17.65
CA TRP A 106 7.74 -16.54 -16.25
C TRP A 106 7.54 -17.91 -15.61
N ASN A 107 7.99 -18.04 -14.36
CA ASN A 107 7.74 -19.24 -13.58
C ASN A 107 6.70 -18.91 -12.50
N GLY A 108 6.45 -19.86 -11.60
CA GLY A 108 5.63 -19.52 -10.44
C GLY A 108 4.18 -19.23 -10.80
N MET A 109 3.52 -18.53 -9.87
CA MET A 109 2.11 -18.16 -10.09
C MET A 109 1.96 -17.21 -11.26
N MET A 110 2.98 -16.37 -11.49
CA MET A 110 2.99 -15.50 -12.67
C MET A 110 2.86 -16.32 -13.94
N GLY A 111 3.67 -17.37 -14.06
CA GLY A 111 3.61 -18.21 -15.25
C GLY A 111 2.26 -18.87 -15.44
N GLU A 112 1.65 -19.34 -14.34
CA GLU A 112 0.34 -20.01 -14.43
C GLU A 112 -0.75 -19.03 -14.86
N LEU A 113 -0.74 -17.81 -14.32
CA LEU A 113 -1.73 -16.82 -14.73
C LEU A 113 -1.57 -16.47 -16.21
N LEU A 114 -0.34 -16.30 -16.68
CA LEU A 114 -0.15 -15.88 -18.06
C LEU A 114 -0.47 -17.01 -19.03
N SER A 115 -0.30 -18.26 -18.63
CA SER A 115 -0.55 -19.38 -19.54
C SER A 115 -1.99 -19.82 -19.54
N GLY A 116 -2.83 -19.28 -18.66
CA GLY A 116 -4.20 -19.74 -18.58
C GLY A 116 -4.45 -20.90 -17.64
N GLN A 117 -3.41 -21.41 -16.94
CA GLN A 117 -3.63 -22.40 -15.89
C GLN A 117 -4.36 -21.82 -14.69
N ALA A 118 -4.27 -20.51 -14.49
CA ALA A 118 -5.06 -19.80 -13.50
C ALA A 118 -5.73 -18.61 -14.16
N ASP A 119 -6.82 -18.16 -13.55
CA ASP A 119 -7.46 -16.91 -13.96
C ASP A 119 -7.24 -15.78 -12.97
N MET A 120 -6.85 -16.10 -11.74
CA MET A 120 -6.61 -15.09 -10.73
C MET A 120 -5.61 -15.63 -9.73
N ILE A 121 -4.68 -14.77 -9.30
CA ILE A 121 -3.74 -15.10 -8.24
C ILE A 121 -4.27 -14.51 -6.96
N VAL A 122 -4.51 -15.34 -5.95
CA VAL A 122 -4.93 -14.83 -4.65
C VAL A 122 -3.91 -15.33 -3.64
N ALA A 123 -2.99 -14.47 -3.25
CA ALA A 123 -1.77 -14.86 -2.54
C ALA A 123 -1.09 -13.57 -2.07
N PRO A 124 -0.14 -13.69 -1.14
CA PRO A 124 0.67 -12.51 -0.77
C PRO A 124 1.66 -12.17 -1.86
N LEU A 125 1.14 -11.69 -3.00
CA LEU A 125 1.91 -11.46 -4.22
C LEU A 125 2.32 -9.99 -4.30
N THR A 126 3.63 -9.73 -4.26
CA THR A 126 4.12 -8.35 -4.25
C THR A 126 3.94 -7.69 -5.60
N ILE A 127 3.44 -6.45 -5.55
CA ILE A 127 3.28 -5.61 -6.74
C ILE A 127 4.65 -5.02 -7.07
N ASN A 128 5.15 -5.30 -8.28
CA ASN A 128 6.39 -4.68 -8.72
C ASN A 128 6.30 -4.35 -10.21
N ASN A 129 7.27 -3.55 -10.67
CA ASN A 129 7.26 -3.11 -12.05
C ASN A 129 7.35 -4.30 -13.01
N GLU A 130 8.21 -5.26 -12.71
CA GLU A 130 8.44 -6.40 -13.60
C GLU A 130 7.14 -7.16 -13.87
N ARG A 131 6.38 -7.45 -12.82
CA ARG A 131 5.13 -8.18 -13.01
C ARG A 131 4.05 -7.32 -13.62
N ALA A 132 3.98 -6.03 -13.21
CA ALA A 132 2.89 -5.16 -13.68
C ALA A 132 2.94 -4.93 -15.18
N GLN A 133 4.11 -5.10 -15.80
CA GLN A 133 4.16 -5.00 -17.25
C GLN A 133 3.29 -6.09 -17.88
N TYR A 134 3.18 -7.25 -17.24
CA TYR A 134 2.54 -8.43 -17.82
C TYR A 134 1.13 -8.69 -17.32
N ILE A 135 0.81 -8.32 -16.08
CA ILE A 135 -0.48 -8.65 -15.50
C ILE A 135 -1.09 -7.40 -14.86
N GLU A 136 -2.37 -7.50 -14.54
CA GLU A 136 -3.07 -6.44 -13.81
C GLU A 136 -3.04 -6.75 -12.31
N PHE A 137 -2.57 -5.80 -11.50
CA PHE A 137 -2.67 -5.89 -10.05
C PHE A 137 -3.83 -5.04 -9.55
N SER A 138 -4.55 -5.56 -8.56
CA SER A 138 -5.51 -4.76 -7.80
C SER A 138 -4.76 -3.67 -7.02
N LYS A 139 -5.51 -2.68 -6.50
CA LYS A 139 -4.90 -1.87 -5.46
C LYS A 139 -4.50 -2.81 -4.32
N PRO A 140 -3.54 -2.42 -3.49
CA PRO A 140 -2.98 -3.36 -2.52
C PRO A 140 -4.01 -3.77 -1.49
N PHE A 141 -4.09 -5.07 -1.20
CA PHE A 141 -4.89 -5.50 -0.08
C PHE A 141 -4.12 -5.52 1.23
N LYS A 142 -2.80 -5.35 1.16
CA LYS A 142 -1.97 -5.30 2.35
C LYS A 142 -0.75 -4.45 2.04
N TYR A 143 -0.48 -3.45 2.89
CA TYR A 143 0.73 -2.63 2.78
C TYR A 143 1.77 -3.18 3.76
N GLN A 144 2.99 -3.39 3.27
CA GLN A 144 4.02 -3.94 4.14
C GLN A 144 5.38 -3.57 3.54
N GLY A 145 6.38 -4.39 3.80
CA GLY A 145 7.71 -4.12 3.27
C GLY A 145 8.64 -5.29 3.51
N LEU A 146 9.94 -5.06 3.37
CA LEU A 146 10.94 -6.08 3.65
C LEU A 146 11.61 -5.83 4.98
N THR A 147 11.91 -6.92 5.70
CA THR A 147 12.72 -6.84 6.91
C THR A 147 13.57 -8.11 6.97
N ILE A 148 14.23 -8.31 8.11
CA ILE A 148 15.26 -9.34 8.22
C ILE A 148 14.96 -10.15 9.47
N LEU A 149 14.88 -11.46 9.31
CA LEU A 149 14.63 -12.36 10.43
C LEU A 149 15.94 -13.00 10.87
N VAL A 150 16.18 -13.05 12.17
CA VAL A 150 17.38 -13.67 12.72
C VAL A 150 16.99 -14.46 13.97
N LYS A 151 17.92 -15.30 14.41
CA LYS A 151 17.76 -16.02 15.67
C LYS A 151 17.96 -15.03 16.81
N LYS A 152 17.12 -15.13 17.84
CA LYS A 152 17.22 -14.20 18.96
C LYS A 152 18.64 -14.22 19.53
N GLY A 153 19.20 -13.04 19.72
CA GLY A 153 20.57 -12.93 20.18
C GLY A 153 21.58 -12.68 19.08
N THR A 154 21.20 -12.89 17.82
CA THR A 154 22.02 -12.45 16.70
C THR A 154 21.94 -10.93 16.57
N ARG A 155 23.08 -10.27 16.51
CA ARG A 155 23.15 -8.81 16.51
C ARG A 155 23.51 -8.32 15.10
N ILE A 156 22.54 -7.79 14.39
CA ILE A 156 22.78 -7.03 13.17
C ILE A 156 21.83 -5.85 13.18
N THR A 157 22.29 -4.72 12.63
CA THR A 157 21.53 -3.49 12.73
C THR A 157 20.46 -3.37 11.66
N GLY A 158 20.54 -4.16 10.60
CA GLY A 158 19.62 -4.03 9.50
C GLY A 158 20.37 -4.11 8.18
N ILE A 159 19.72 -3.60 7.14
CA ILE A 159 20.18 -3.81 5.78
C ILE A 159 21.54 -3.20 5.52
N ASN A 160 21.98 -2.27 6.37
CA ASN A 160 23.26 -1.62 6.18
C ASN A 160 24.36 -2.22 7.03
N ASP A 161 24.07 -3.28 7.78
CA ASP A 161 25.05 -3.89 8.65
C ASP A 161 26.23 -4.40 7.83
N PRO A 162 27.46 -4.20 8.31
CA PRO A 162 28.62 -4.66 7.52
C PRO A 162 28.63 -6.16 7.27
N ARG A 163 28.05 -6.99 8.15
CA ARG A 163 28.04 -8.42 7.84
C ARG A 163 27.11 -8.75 6.67
N LEU A 164 26.24 -7.82 6.29
CA LEU A 164 25.47 -7.97 5.07
C LEU A 164 26.16 -7.31 3.90
N ARG A 165 26.68 -6.11 4.10
CA ARG A 165 27.19 -5.29 3.00
C ARG A 165 28.61 -5.66 2.60
N ASN A 166 29.38 -6.26 3.51
CA ASN A 166 30.71 -6.78 3.21
C ASN A 166 30.77 -8.24 3.60
N PRO A 167 30.06 -9.10 2.87
CA PRO A 167 29.74 -10.44 3.38
C PRO A 167 30.90 -11.42 3.28
N SER A 168 30.75 -12.51 4.02
CA SER A 168 31.65 -13.65 3.95
C SER A 168 30.87 -14.91 4.29
N ASP A 169 31.52 -16.06 4.13
CA ASP A 169 30.86 -17.33 4.40
C ASP A 169 30.68 -17.59 5.90
N LYS A 170 31.18 -16.71 6.76
CA LYS A 170 30.95 -16.88 8.20
C LYS A 170 29.55 -16.45 8.63
N PHE A 171 28.90 -15.57 7.89
CA PHE A 171 27.57 -15.10 8.23
C PHE A 171 26.71 -15.15 6.98
N ILE A 172 25.86 -16.17 6.90
CA ILE A 172 25.13 -16.51 5.69
C ILE A 172 23.74 -15.89 5.76
N TYR A 173 23.30 -15.26 4.67
CA TYR A 173 21.94 -14.75 4.59
C TYR A 173 21.36 -15.06 3.22
N ALA A 174 20.03 -14.97 3.10
CA ALA A 174 19.37 -15.48 1.90
C ALA A 174 17.92 -15.03 1.86
N THR A 175 17.30 -15.25 0.71
CA THR A 175 15.85 -15.06 0.56
C THR A 175 15.27 -16.29 -0.14
N VAL A 176 14.05 -16.17 -0.66
CA VAL A 176 13.40 -17.26 -1.39
C VAL A 176 13.70 -17.13 -2.89
N LYS A 177 14.05 -18.25 -3.53
CA LYS A 177 14.26 -18.28 -4.97
C LYS A 177 13.01 -17.84 -5.72
N GLN A 178 13.22 -17.15 -6.84
CA GLN A 178 12.13 -16.85 -7.79
C GLN A 178 10.99 -16.10 -7.12
N SER A 179 11.37 -15.11 -6.31
CA SER A 179 10.45 -14.31 -5.54
C SER A 179 10.72 -12.83 -5.84
N SER A 180 9.80 -11.98 -5.40
CA SER A 180 9.97 -10.54 -5.58
C SER A 180 11.22 -10.04 -4.87
N VAL A 181 11.64 -10.70 -3.78
CA VAL A 181 12.83 -10.25 -3.07
C VAL A 181 14.08 -10.57 -3.88
N ASP A 182 14.08 -11.74 -4.52
CA ASP A 182 15.16 -12.09 -5.44
C ASP A 182 15.26 -11.06 -6.57
N ILE A 183 14.13 -10.70 -7.16
CA ILE A 183 14.09 -9.67 -8.21
C ILE A 183 14.67 -8.36 -7.69
N TYR A 184 14.24 -7.97 -6.48
CA TYR A 184 14.67 -6.69 -5.92
C TYR A 184 16.19 -6.60 -5.81
N PHE A 185 16.82 -7.65 -5.25
CA PHE A 185 18.26 -7.63 -5.09
C PHE A 185 18.99 -7.79 -6.42
N ARG A 186 18.38 -8.44 -7.40
CA ARG A 186 19.02 -8.58 -8.70
C ARG A 186 18.95 -7.31 -9.52
N ARG A 187 17.93 -6.49 -9.29
CA ARG A 187 17.69 -5.31 -10.10
C ARG A 187 18.64 -4.17 -9.74
N GLN A 188 18.94 -4.00 -8.45
CA GLN A 188 19.66 -2.81 -7.99
C GLN A 188 21.16 -3.10 -7.94
N VAL A 189 21.94 -2.41 -8.78
CA VAL A 189 23.37 -2.69 -8.84
C VAL A 189 24.06 -2.35 -7.51
N GLU A 190 23.50 -1.41 -6.75
CA GLU A 190 24.04 -1.09 -5.43
C GLU A 190 23.87 -2.22 -4.43
N LEU A 191 23.03 -3.21 -4.72
CA LEU A 191 22.85 -4.40 -3.91
C LEU A 191 23.59 -5.61 -4.48
N SER A 192 24.39 -5.42 -5.53
CA SER A 192 24.95 -6.56 -6.24
C SER A 192 25.85 -7.40 -5.35
N THR A 193 26.58 -6.75 -4.43
CA THR A 193 27.38 -7.51 -3.48
C THR A 193 26.51 -8.45 -2.66
N MET A 194 25.35 -7.99 -2.21
CA MET A 194 24.48 -8.86 -1.42
C MET A 194 23.83 -9.92 -2.30
N TYR A 195 23.42 -9.53 -3.51
CA TYR A 195 22.80 -10.50 -4.40
C TYR A 195 23.72 -11.68 -4.68
N ARG A 196 25.01 -11.42 -4.93
CA ARG A 196 25.92 -12.52 -5.22
CA ARG A 196 25.92 -12.52 -5.22
C ARG A 196 26.09 -13.46 -4.03
N HIS A 197 26.03 -12.93 -2.81
CA HIS A 197 26.06 -13.79 -1.63
C HIS A 197 24.77 -14.63 -1.56
N MET A 198 23.62 -13.97 -1.58
CA MET A 198 22.35 -14.68 -1.41
C MET A 198 22.15 -15.74 -2.49
N GLU A 199 22.57 -15.46 -3.71
CA GLU A 199 22.39 -16.40 -4.82
C GLU A 199 22.96 -17.78 -4.48
N LYS A 200 24.01 -17.83 -3.68
CA LYS A 200 24.60 -19.09 -3.27
C LYS A 200 23.78 -19.84 -2.25
N HIS A 201 22.81 -19.19 -1.61
CA HIS A 201 22.14 -19.76 -0.46
C HIS A 201 20.61 -19.69 -0.48
N ASN A 202 20.00 -19.10 -1.52
CA ASN A 202 18.55 -18.91 -1.50
C ASN A 202 17.79 -20.23 -1.32
N TYR A 203 16.62 -20.14 -0.68
CA TYR A 203 15.80 -21.29 -0.30
C TYR A 203 14.63 -21.48 -1.27
N GLU A 204 14.12 -22.71 -1.34
CA GLU A 204 12.99 -22.98 -2.23
C GLU A 204 11.67 -22.42 -1.69
N SER A 205 11.56 -22.22 -0.38
CA SER A 205 10.33 -21.67 0.19
C SER A 205 10.63 -20.91 1.46
N ALA A 206 9.70 -20.03 1.82
CA ALA A 206 9.85 -19.25 3.05
C ALA A 206 9.91 -20.16 4.27
N ALA A 207 9.06 -21.19 4.32
CA ALA A 207 9.04 -22.05 5.48
C ALA A 207 10.40 -22.70 5.72
N GLU A 208 11.04 -23.17 4.65
CA GLU A 208 12.33 -23.84 4.80
C GLU A 208 13.39 -22.88 5.30
N ALA A 209 13.37 -21.64 4.81
CA ALA A 209 14.33 -20.65 5.28
C ALA A 209 14.10 -20.30 6.75
N ILE A 210 12.83 -20.12 7.14
CA ILE A 210 12.54 -19.82 8.54
C ILE A 210 13.02 -20.94 9.43
N GLN A 211 12.75 -22.19 9.05
CA GLN A 211 13.25 -23.32 9.84
C GLN A 211 14.78 -23.33 9.89
N ALA A 212 15.42 -22.94 8.78
CA ALA A 212 16.88 -22.91 8.77
C ALA A 212 17.43 -21.86 9.74
N VAL A 213 16.72 -20.75 9.93
CA VAL A 213 17.14 -19.78 10.93
C VAL A 213 17.01 -20.38 12.32
N ARG A 214 15.86 -21.00 12.60
CA ARG A 214 15.70 -21.69 13.89
C ARG A 214 16.80 -22.69 14.14
N ASP A 215 17.26 -23.37 13.09
CA ASP A 215 18.27 -24.42 13.22
C ASP A 215 19.70 -23.90 13.11
N ASN A 216 19.90 -22.60 13.09
CA ASN A 216 21.25 -22.00 13.00
C ASN A 216 22.01 -22.45 11.76
N LYS A 217 21.28 -22.80 10.69
CA LYS A 217 21.89 -23.07 9.39
C LYS A 217 21.86 -21.85 8.46
N LEU A 218 20.93 -20.93 8.69
CA LEU A 218 20.84 -19.66 7.98
C LEU A 218 20.90 -18.58 9.04
N HIS A 219 21.77 -17.59 8.85
CA HIS A 219 21.93 -16.60 9.92
C HIS A 219 20.97 -15.42 9.81
N ALA A 220 20.54 -15.04 8.59
CA ALA A 220 19.50 -14.03 8.42
C ALA A 220 18.67 -14.38 7.17
N PHE A 221 17.36 -14.16 7.29
CA PHE A 221 16.41 -14.38 6.19
C PHE A 221 15.74 -13.06 5.86
N ILE A 222 15.87 -12.63 4.61
CA ILE A 222 15.33 -11.36 4.14
C ILE A 222 14.02 -11.65 3.42
N TRP A 223 12.91 -11.10 3.89
CA TRP A 223 11.61 -11.53 3.38
C TRP A 223 10.55 -10.50 3.76
N ASP A 224 9.31 -10.77 3.35
CA ASP A 224 8.18 -9.88 3.60
C ASP A 224 7.93 -9.71 5.10
N SER A 225 7.79 -8.44 5.52
CA SER A 225 7.55 -8.16 6.94
C SER A 225 6.20 -8.70 7.41
N ALA A 226 5.19 -8.71 6.54
CA ALA A 226 3.91 -9.25 6.96
C ALA A 226 4.05 -10.71 7.40
N VAL A 227 4.94 -11.46 6.76
CA VAL A 227 5.19 -12.84 7.18
C VAL A 227 6.16 -12.90 8.34
N LEU A 228 7.27 -12.15 8.27
CA LEU A 228 8.32 -12.32 9.28
C LEU A 228 7.86 -11.85 10.66
N GLU A 229 7.11 -10.75 10.73
CA GLU A 229 6.61 -10.27 12.02
C GLU A 229 5.63 -11.27 12.61
N PHE A 230 4.84 -11.92 11.77
CA PHE A 230 3.95 -12.96 12.27
C PHE A 230 4.75 -14.11 12.89
N GLU A 231 5.76 -14.63 12.17
CA GLU A 231 6.59 -15.70 12.72
C GLU A 231 7.24 -15.30 14.04
N ALA A 232 7.77 -14.07 14.12
CA ALA A 232 8.41 -13.63 15.35
C ALA A 232 7.40 -13.50 16.49
N SER A 233 6.13 -13.21 16.18
CA SER A 233 5.12 -13.16 17.23
C SER A 233 4.78 -14.55 17.75
N GLN A 234 5.07 -15.59 16.99
CA GLN A 234 4.69 -16.95 17.35
C GLN A 234 5.86 -17.79 17.87
N LYS A 235 7.08 -17.48 17.44
CA LYS A 235 8.26 -18.29 17.77
C LYS A 235 9.25 -17.37 18.47
N CYS A 236 9.41 -17.56 19.77
CA CYS A 236 10.14 -16.61 20.59
C CYS A 236 11.65 -16.69 20.41
N ASP A 237 12.16 -17.73 19.75
CA ASP A 237 13.56 -17.81 19.38
C ASP A 237 13.90 -17.03 18.13
N LEU A 238 12.91 -16.40 17.48
CA LEU A 238 13.11 -15.62 16.27
C LEU A 238 12.74 -14.17 16.51
N VAL A 239 13.48 -13.24 15.85
CA VAL A 239 13.18 -11.82 15.93
C VAL A 239 13.48 -11.16 14.58
N THR A 240 12.83 -10.03 14.33
CA THR A 240 13.19 -9.21 13.18
C THR A 240 14.07 -8.06 13.65
N THR A 241 14.78 -7.44 12.69
CA THR A 241 15.73 -6.39 13.04
C THR A 241 15.81 -5.39 11.90
N GLY A 242 15.93 -4.10 12.25
CA GLY A 242 16.09 -3.04 11.28
C GLY A 242 14.81 -2.42 10.76
N GLU A 243 13.65 -2.99 11.08
CA GLU A 243 12.39 -2.47 10.57
C GLU A 243 12.41 -2.41 9.04
N LEU A 244 11.39 -1.84 8.43
CA LEU A 244 11.23 -1.98 6.99
C LEU A 244 12.29 -1.17 6.26
N PHE A 245 13.07 -1.84 5.43
CA PHE A 245 14.04 -1.14 4.62
C PHE A 245 13.53 -0.92 3.21
N PHE A 246 12.32 -1.37 2.93
CA PHE A 246 11.71 -1.17 1.61
C PHE A 246 10.24 -1.52 1.68
N ARG A 247 9.35 -0.66 1.16
CA ARG A 247 7.92 -0.82 1.35
C ARG A 247 7.26 -1.26 0.05
N SER A 248 6.26 -2.13 0.18
CA SER A 248 5.59 -2.69 -0.97
C SER A 248 4.25 -3.22 -0.49
N GLY A 249 3.42 -3.61 -1.44
CA GLY A 249 2.11 -4.14 -1.11
C GLY A 249 1.84 -5.43 -1.85
N PHE A 250 0.90 -6.19 -1.31
CA PHE A 250 0.34 -7.36 -1.96
C PHE A 250 -0.91 -7.00 -2.75
N GLY A 251 -1.08 -7.57 -3.93
CA GLY A 251 -2.25 -7.32 -4.73
C GLY A 251 -2.78 -8.60 -5.33
N ILE A 252 -4.08 -8.58 -5.66
CA ILE A 252 -4.67 -9.64 -6.46
C ILE A 252 -4.15 -9.51 -7.87
N GLY A 253 -3.86 -10.64 -8.52
CA GLY A 253 -3.31 -10.66 -9.86
C GLY A 253 -4.31 -11.27 -10.84
N MET A 254 -4.46 -10.61 -11.99
CA MET A 254 -5.36 -11.03 -13.06
C MET A 254 -4.72 -10.72 -14.41
N ARG A 255 -5.19 -11.40 -15.47
CA ARG A 255 -4.73 -11.01 -16.79
C ARG A 255 -5.28 -9.63 -17.16
N LYS A 256 -4.58 -8.95 -18.07
CA LYS A 256 -4.99 -7.60 -18.44
C LYS A 256 -6.37 -7.58 -19.11
N ASP A 257 -6.81 -8.69 -19.67
CA ASP A 257 -8.12 -8.73 -20.31
C ASP A 257 -9.23 -9.16 -19.35
N SER A 258 -8.95 -9.25 -18.05
CA SER A 258 -9.93 -9.80 -17.13
C SER A 258 -11.14 -8.89 -17.01
N PRO A 259 -12.36 -9.41 -17.11
CA PRO A 259 -13.54 -8.57 -16.88
C PRO A 259 -13.73 -8.21 -15.42
N TRP A 260 -13.02 -8.85 -14.51
CA TRP A 260 -13.20 -8.67 -13.08
C TRP A 260 -12.34 -7.56 -12.49
N LYS A 261 -11.44 -6.96 -13.26
CA LYS A 261 -10.35 -6.24 -12.62
C LYS A 261 -10.86 -4.99 -11.92
N GLN A 262 -11.80 -4.27 -12.53
CA GLN A 262 -12.30 -3.03 -11.91
C GLN A 262 -12.97 -3.33 -10.57
N ASN A 263 -13.87 -4.30 -10.55
CA ASN A 263 -14.65 -4.58 -9.34
C ASN A 263 -13.82 -5.27 -8.27
N VAL A 264 -12.79 -6.01 -8.64
CA VAL A 264 -11.89 -6.54 -7.61
C VAL A 264 -11.22 -5.40 -6.85
N SER A 265 -10.70 -4.42 -7.59
CA SER A 265 -10.02 -3.32 -6.93
C SER A 265 -10.99 -2.49 -6.09
N LEU A 266 -12.19 -2.21 -6.60
CA LEU A 266 -13.14 -1.46 -5.78
C LEU A 266 -13.49 -2.23 -4.51
N SER A 267 -13.59 -3.55 -4.61
CA SER A 267 -13.90 -4.36 -3.43
CA SER A 267 -13.90 -4.36 -3.43
C SER A 267 -12.77 -4.29 -2.40
N ILE A 268 -11.53 -4.31 -2.86
CA ILE A 268 -10.43 -4.18 -1.92
CA ILE A 268 -10.40 -4.15 -1.95
C ILE A 268 -10.47 -2.80 -1.24
N LEU A 269 -10.70 -1.74 -2.01
CA LEU A 269 -10.78 -0.41 -1.38
C LEU A 269 -11.90 -0.38 -0.36
N LYS A 270 -13.06 -0.91 -0.73
CA LYS A 270 -14.19 -0.93 0.20
C LYS A 270 -13.85 -1.68 1.47
N SER A 271 -13.11 -2.78 1.35
CA SER A 271 -12.78 -3.59 2.51
C SER A 271 -11.78 -2.90 3.43
N HIS A 272 -10.82 -2.15 2.88
CA HIS A 272 -9.99 -1.34 3.77
C HIS A 272 -10.84 -0.32 4.50
N GLU A 273 -11.77 0.31 3.79
CA GLU A 273 -12.50 1.46 4.31
C GLU A 273 -13.58 1.08 5.32
N ASN A 274 -14.14 -0.13 5.24
CA ASN A 274 -15.19 -0.50 6.18
C ASN A 274 -14.70 -1.39 7.32
N GLY A 275 -13.40 -1.60 7.42
CA GLY A 275 -12.85 -2.39 8.51
C GLY A 275 -12.70 -3.87 8.25
N PHE A 276 -13.11 -4.36 7.09
CA PHE A 276 -12.98 -5.80 6.81
C PHE A 276 -11.52 -6.25 6.82
N MET A 277 -10.63 -5.49 6.16
CA MET A 277 -9.22 -5.87 6.16
C MET A 277 -8.64 -5.85 7.57
N GLU A 278 -9.07 -4.91 8.40
CA GLU A 278 -8.61 -4.90 9.78
C GLU A 278 -9.14 -6.11 10.55
N ASP A 279 -10.37 -6.54 10.25
CA ASP A 279 -10.87 -7.78 10.82
C ASP A 279 -9.96 -8.96 10.45
N LEU A 280 -9.56 -9.03 9.18
CA LEU A 280 -8.66 -10.11 8.77
C LEU A 280 -7.33 -10.01 9.50
N ASP A 281 -6.79 -8.81 9.67
CA ASP A 281 -5.59 -8.62 10.48
C ASP A 281 -5.78 -9.18 11.88
N LYS A 282 -6.90 -8.84 12.53
CA LYS A 282 -7.10 -9.29 13.89
C LYS A 282 -7.29 -10.80 13.97
N THR A 283 -7.74 -11.42 12.89
CA THR A 283 -7.99 -12.87 12.92
C THR A 283 -6.73 -13.67 12.62
N TRP A 284 -5.91 -13.23 11.66
CA TRP A 284 -4.84 -14.04 11.10
C TRP A 284 -3.43 -13.55 11.40
N VAL A 285 -3.24 -12.27 11.72
CA VAL A 285 -1.92 -11.64 11.65
C VAL A 285 -1.47 -11.15 13.02
N ARG A 286 -2.32 -10.42 13.71
CA ARG A 286 -1.91 -9.66 14.89
C ARG A 286 -2.74 -10.12 16.07
N TYR A 287 -2.30 -11.21 16.71
CA TYR A 287 -3.02 -11.71 17.87
C TYR A 287 -2.15 -12.41 18.92
N GLN A 288 -0.83 -12.52 18.75
CA GLN A 288 -0.03 -13.27 19.72
C GLN A 288 0.83 -12.36 20.60
N GLU A 289 1.92 -11.83 20.05
CA GLU A 289 2.92 -11.08 20.81
C GLU A 289 3.65 -11.97 21.80
N CYS A 290 4.98 -11.97 21.73
CA CYS A 290 5.83 -12.73 22.64
C CYS A 290 6.00 -12.01 23.96
N ASP B 1 -0.84 20.14 -28.59
CA ASP B 1 -0.52 18.77 -28.99
C ASP B 1 -0.94 17.76 -27.92
N ASP B 2 -1.13 16.51 -28.34
CA ASP B 2 -1.57 15.42 -27.47
C ASP B 2 -0.53 15.01 -26.45
N ASN B 3 0.66 15.61 -26.50
CA ASN B 3 1.75 15.32 -25.59
C ASN B 3 1.91 16.39 -24.53
N HIS B 4 1.11 17.46 -24.58
CA HIS B 4 1.18 18.59 -23.67
C HIS B 4 -0.09 18.60 -22.84
N LEU B 5 0.05 18.31 -21.55
CA LEU B 5 -1.07 17.90 -20.70
C LEU B 5 -1.41 18.98 -19.67
N SER B 6 -2.70 19.27 -19.53
CA SER B 6 -3.19 20.06 -18.42
C SER B 6 -3.18 19.23 -17.14
N ILE B 7 -2.52 19.71 -16.09
CA ILE B 7 -2.38 18.96 -14.83
C ILE B 7 -2.75 19.87 -13.67
N VAL B 8 -3.54 19.34 -12.74
CA VAL B 8 -4.01 20.13 -11.62
C VAL B 8 -3.33 19.61 -10.36
N THR B 9 -3.12 20.52 -9.40
CA THR B 9 -2.56 20.14 -8.12
C THR B 9 -3.15 21.05 -7.05
N LEU B 10 -2.69 20.88 -5.83
CA LEU B 10 -3.24 21.58 -4.68
C LEU B 10 -2.11 21.83 -3.71
N GLU B 11 -2.03 23.03 -3.12
CA GLU B 11 -0.97 23.28 -2.14
C GLU B 11 -1.21 22.46 -0.87
N GLU B 12 -0.20 21.68 -0.46
CA GLU B 12 -0.26 20.94 0.80
C GLU B 12 1.16 20.50 1.15
N ALA B 13 1.79 21.22 2.06
CA ALA B 13 3.19 20.95 2.34
C ALA B 13 3.33 19.60 3.04
N PRO B 14 4.39 18.83 2.75
CA PRO B 14 5.49 19.13 1.85
C PRO B 14 5.29 18.53 0.47
N PHE B 15 4.07 18.06 0.18
CA PHE B 15 3.84 17.41 -1.10
C PHE B 15 3.81 18.42 -2.24
N VAL B 16 3.15 19.55 -2.01
CA VAL B 16 3.12 20.65 -2.96
C VAL B 16 3.26 21.95 -2.18
N ILE B 17 4.32 22.70 -2.48
CA ILE B 17 4.61 23.96 -1.81
C ILE B 17 4.62 25.07 -2.87
N VAL B 18 3.89 26.14 -2.62
CA VAL B 18 3.68 27.22 -3.59
C VAL B 18 4.51 28.42 -3.13
N GLU B 19 5.26 29.00 -4.06
CA GLU B 19 6.05 30.20 -3.79
C GLU B 19 5.72 31.28 -4.81
N ASP B 20 6.04 32.53 -4.44
CA ASP B 20 5.93 33.61 -5.40
C ASP B 20 7.06 33.55 -6.41
N ILE B 21 6.75 33.96 -7.61
CA ILE B 21 7.78 34.08 -8.63
C ILE B 21 8.57 35.35 -8.37
N ASP B 22 9.85 35.35 -8.73
CA ASP B 22 10.64 36.57 -8.65
C ASP B 22 9.99 37.62 -9.55
N PRO B 23 9.48 38.73 -9.02
CA PRO B 23 8.84 39.74 -9.89
C PRO B 23 9.69 40.04 -11.12
N LEU B 24 10.99 40.26 -10.91
CA LEU B 24 12.01 39.99 -11.90
C LEU B 24 12.84 38.84 -11.34
N THR B 25 13.14 37.85 -12.18
CA THR B 25 12.88 37.89 -13.61
C THR B 25 11.55 37.29 -14.04
N GLU B 26 10.65 37.05 -13.09
CA GLU B 26 9.40 36.33 -13.37
C GLU B 26 9.70 34.96 -13.98
N THR B 27 10.61 34.23 -13.35
CA THR B 27 11.01 32.91 -13.79
C THR B 27 11.21 32.03 -12.55
N CYS B 28 10.79 30.76 -12.65
CA CYS B 28 10.95 29.82 -11.54
CA CYS B 28 10.95 29.82 -11.54
C CYS B 28 12.33 29.19 -11.61
N VAL B 29 13.07 29.29 -10.51
CA VAL B 29 14.45 28.81 -10.45
C VAL B 29 14.56 27.60 -9.52
N ARG B 30 15.74 27.03 -9.42
CA ARG B 30 16.07 25.99 -8.42
C ARG B 30 15.20 24.77 -8.72
N ASN B 31 14.65 24.11 -7.70
CA ASN B 31 13.90 22.88 -7.87
C ASN B 31 12.41 23.11 -8.09
N THR B 32 12.02 24.27 -8.61
CA THR B 32 10.61 24.62 -8.71
C THR B 32 10.14 24.55 -10.16
N VAL B 33 8.83 24.38 -10.34
CA VAL B 33 8.27 24.42 -11.69
C VAL B 33 7.18 25.49 -11.74
N PRO B 34 6.91 26.05 -12.92
CA PRO B 34 5.81 27.02 -13.03
C PRO B 34 4.46 26.38 -12.70
N CYS B 35 3.63 27.13 -11.98
CA CYS B 35 2.25 26.70 -11.74
C CYS B 35 1.41 27.96 -11.61
N ARG B 36 0.18 27.91 -12.11
CA ARG B 36 -0.64 29.10 -12.18
C ARG B 36 -1.85 28.92 -11.29
N LYS B 37 -2.34 30.04 -10.77
CA LYS B 37 -3.48 30.05 -9.87
C LYS B 37 -4.46 31.12 -10.34
N PHE B 38 -5.69 30.72 -10.64
CA PHE B 38 -6.72 31.69 -11.01
C PHE B 38 -7.15 32.46 -9.77
N VAL B 39 -7.02 33.78 -9.81
CA VAL B 39 -7.36 34.65 -8.69
C VAL B 39 -8.45 35.63 -9.14
N LYS B 40 -9.54 35.70 -8.37
CA LYS B 40 -10.66 36.56 -8.75
C LYS B 40 -10.31 38.03 -8.61
N ILE B 41 -10.89 38.85 -9.49
CA ILE B 41 -10.77 40.30 -9.33
C ILE B 41 -11.62 40.78 -8.16
N ASN B 42 -12.84 40.27 -8.05
CA ASN B 42 -13.75 40.70 -6.98
C ASN B 42 -14.89 39.68 -6.94
N ASN B 43 -15.80 39.86 -5.98
CA ASN B 43 -16.86 38.88 -5.80
C ASN B 43 -18.15 39.25 -6.51
N SER B 44 -18.12 40.31 -7.31
CA SER B 44 -19.26 40.71 -8.13
CA SER B 44 -19.26 40.69 -8.13
C SER B 44 -18.97 40.50 -9.62
N THR B 45 -17.98 39.69 -9.94
CA THR B 45 -17.65 39.39 -11.33
C THR B 45 -17.16 37.97 -11.43
N ASN B 46 -17.21 37.42 -12.64
CA ASN B 46 -16.55 36.15 -12.92
C ASN B 46 -15.12 36.36 -13.41
N GLU B 47 -14.70 37.61 -13.54
CA GLU B 47 -13.38 37.92 -14.08
C GLU B 47 -12.29 37.52 -13.10
N GLY B 48 -11.18 37.00 -13.64
CA GLY B 48 -10.07 36.62 -12.81
C GLY B 48 -8.80 36.71 -13.62
N MET B 49 -7.68 36.41 -12.98
CA MET B 49 -6.42 36.41 -13.69
C MET B 49 -5.60 35.22 -13.24
N ASN B 50 -4.83 34.66 -14.16
CA ASN B 50 -4.00 33.50 -13.87
C ASN B 50 -2.66 34.01 -13.38
N VAL B 51 -2.44 33.94 -12.08
CA VAL B 51 -1.21 34.45 -11.49
C VAL B 51 -0.14 33.38 -11.62
N LYS B 52 1.03 33.77 -12.13
CA LYS B 52 2.14 32.85 -12.31
C LYS B 52 2.83 32.64 -10.97
N LYS B 53 2.93 31.39 -10.53
CA LYS B 53 3.57 31.02 -9.27
C LYS B 53 4.62 29.96 -9.56
N CYS B 54 5.31 29.51 -8.52
CA CYS B 54 6.27 28.42 -8.61
C CYS B 54 5.94 27.37 -7.57
N CYS B 55 6.06 26.10 -7.97
CA CYS B 55 5.65 24.96 -7.16
C CYS B 55 6.83 24.02 -6.93
N LYS B 56 6.93 23.46 -5.72
CA LYS B 56 7.94 22.45 -5.44
C LYS B 56 7.37 21.46 -4.44
N GLY B 57 8.13 20.40 -4.17
CA GLY B 57 7.77 19.44 -3.15
C GLY B 57 7.82 18.00 -3.64
N PHE B 58 7.43 17.10 -2.74
CA PHE B 58 7.50 15.67 -3.03
C PHE B 58 6.76 15.31 -4.32
N CYS B 59 5.50 15.76 -4.43
CA CYS B 59 4.72 15.41 -5.62
C CYS B 59 5.21 16.14 -6.85
N ILE B 60 5.83 17.30 -6.67
CA ILE B 60 6.37 18.01 -7.82
C ILE B 60 7.59 17.28 -8.36
N ASP B 61 8.41 16.73 -7.45
CA ASP B 61 9.54 15.92 -7.89
C ASP B 61 9.07 14.67 -8.61
N ILE B 62 7.98 14.04 -8.13
CA ILE B 62 7.41 12.91 -8.85
CA ILE B 62 7.42 12.90 -8.85
C ILE B 62 6.97 13.33 -10.25
N LEU B 63 6.30 14.48 -10.35
CA LEU B 63 5.81 14.94 -11.64
C LEU B 63 6.97 15.18 -12.60
N LYS B 64 8.04 15.82 -12.13
CA LYS B 64 9.20 16.04 -12.99
C LYS B 64 9.74 14.72 -13.51
N LYS B 65 9.84 13.71 -12.64
CA LYS B 65 10.36 12.42 -13.07
C LYS B 65 9.41 11.74 -14.06
N LEU B 66 8.09 11.77 -13.78
CA LEU B 66 7.13 11.21 -14.74
C LEU B 66 7.21 11.92 -16.08
N SER B 67 7.33 13.26 -16.05
CA SER B 67 7.40 14.00 -17.30
C SER B 67 8.55 13.49 -18.16
N ARG B 68 9.70 13.24 -17.53
CA ARG B 68 10.87 12.79 -18.28
C ARG B 68 10.72 11.34 -18.73
N THR B 69 10.27 10.45 -17.85
CA THR B 69 10.27 9.03 -18.20
C THR B 69 9.10 8.67 -19.13
N VAL B 70 7.91 9.22 -18.85
CA VAL B 70 6.73 8.95 -19.67
C VAL B 70 6.69 9.83 -20.92
N LYS B 71 7.49 10.89 -20.97
CA LYS B 71 7.62 11.75 -22.15
C LYS B 71 6.38 12.60 -22.42
N PHE B 72 6.10 13.55 -21.53
CA PHE B 72 5.06 14.54 -21.76
C PHE B 72 5.55 15.86 -21.19
N THR B 73 4.94 16.94 -21.66
CA THR B 73 5.09 18.26 -21.06
C THR B 73 3.75 18.63 -20.43
N TYR B 74 3.73 19.69 -19.64
CA TYR B 74 2.51 19.94 -18.90
C TYR B 74 2.37 21.42 -18.58
N ASP B 75 1.13 21.80 -18.32
CA ASP B 75 0.76 23.14 -17.85
C ASP B 75 0.11 22.87 -16.50
N LEU B 76 0.84 23.16 -15.41
CA LEU B 76 0.39 22.85 -14.06
C LEU B 76 -0.42 24.01 -13.50
N TYR B 77 -1.59 23.72 -12.93
CA TYR B 77 -2.37 24.78 -12.29
C TYR B 77 -2.90 24.31 -10.95
N LEU B 78 -3.23 25.28 -10.08
CA LEU B 78 -3.70 25.01 -8.73
C LEU B 78 -5.21 25.03 -8.71
N VAL B 79 -5.83 24.01 -8.08
CA VAL B 79 -7.29 23.96 -8.04
C VAL B 79 -7.79 25.14 -7.20
N THR B 80 -8.91 25.73 -7.63
CA THR B 80 -9.52 26.79 -6.84
C THR B 80 -10.96 26.49 -6.44
N ASN B 81 -11.56 25.44 -7.00
CA ASN B 81 -12.93 25.01 -6.71
C ASN B 81 -12.85 23.85 -5.73
N GLY B 82 -12.75 24.17 -4.44
CA GLY B 82 -12.59 23.12 -3.45
C GLY B 82 -11.14 22.68 -3.30
N LYS B 83 -10.96 21.48 -2.76
CA LYS B 83 -9.61 21.05 -2.39
C LYS B 83 -9.29 19.69 -3.02
N HIS B 84 -9.22 18.63 -2.20
CA HIS B 84 -8.88 17.30 -2.74
C HIS B 84 -10.02 16.75 -3.59
N GLY B 85 -11.22 16.71 -3.02
CA GLY B 85 -12.37 16.31 -3.81
C GLY B 85 -13.50 15.86 -2.91
N LYS B 86 -14.69 16.42 -3.15
CA LYS B 86 -15.90 16.02 -2.44
C LYS B 86 -17.04 16.03 -3.43
N LYS B 87 -17.94 15.06 -3.30
CA LYS B 87 -19.14 14.99 -4.12
C LYS B 87 -20.25 15.75 -3.42
N VAL B 88 -20.73 16.83 -4.05
CA VAL B 88 -21.74 17.70 -3.47
C VAL B 88 -22.94 17.66 -4.42
N ASN B 89 -24.09 17.20 -3.91
CA ASN B 89 -25.29 17.02 -4.74
C ASN B 89 -24.94 16.29 -6.03
N ASN B 90 -24.12 15.25 -5.89
CA ASN B 90 -23.70 14.37 -6.97
C ASN B 90 -22.75 15.04 -7.97
N VAL B 91 -22.12 16.15 -7.61
CA VAL B 91 -21.15 16.84 -8.47
C VAL B 91 -19.82 16.95 -7.74
N TRP B 92 -18.75 16.44 -8.35
CA TRP B 92 -17.44 16.43 -7.72
C TRP B 92 -16.78 17.79 -7.86
N ASN B 93 -16.21 18.27 -6.75
CA ASN B 93 -15.35 19.46 -6.78
C ASN B 93 -13.89 19.04 -6.53
N GLY B 94 -13.02 20.04 -6.32
CA GLY B 94 -11.63 19.77 -6.00
C GLY B 94 -10.85 19.19 -7.17
N MET B 95 -9.72 18.57 -6.83
CA MET B 95 -8.89 17.96 -7.86
C MET B 95 -9.66 16.87 -8.60
N ILE B 96 -10.45 16.09 -7.88
CA ILE B 96 -11.22 15.03 -8.54
C ILE B 96 -12.14 15.63 -9.59
N GLY B 97 -12.81 16.74 -9.26
CA GLY B 97 -13.74 17.33 -10.21
C GLY B 97 -13.06 17.86 -11.45
N GLU B 98 -11.83 18.40 -11.29
CA GLU B 98 -11.11 18.90 -12.45
C GLU B 98 -10.86 17.78 -13.44
N VAL B 99 -10.56 16.58 -12.93
CA VAL B 99 -10.32 15.44 -13.80
C VAL B 99 -11.63 14.90 -14.37
N VAL B 100 -12.64 14.68 -13.51
CA VAL B 100 -13.93 14.15 -13.96
C VAL B 100 -14.47 14.98 -15.11
N TYR B 101 -14.41 16.29 -14.96
CA TYR B 101 -15.01 17.20 -15.92
C TYR B 101 -14.02 17.62 -17.00
N GLN B 102 -12.91 16.88 -17.10
CA GLN B 102 -11.98 16.97 -18.23
C GLN B 102 -11.30 18.32 -18.32
N ARG B 103 -11.18 19.05 -17.21
CA ARG B 103 -10.36 20.24 -17.21
C ARG B 103 -8.88 19.93 -17.04
N ALA B 104 -8.58 18.77 -16.45
CA ALA B 104 -7.22 18.28 -16.25
C ALA B 104 -7.12 16.87 -16.79
N VAL B 105 -5.99 16.57 -17.44
CA VAL B 105 -5.68 15.21 -17.84
C VAL B 105 -5.33 14.37 -16.63
N MET B 106 -4.62 14.96 -15.66
CA MET B 106 -4.38 14.24 -14.43
C MET B 106 -4.27 15.21 -13.28
N ALA B 107 -4.39 14.67 -12.08
CA ALA B 107 -4.24 15.41 -10.84
C ALA B 107 -3.06 14.80 -10.10
N VAL B 108 -2.11 15.65 -9.71
CA VAL B 108 -0.90 15.19 -9.04
C VAL B 108 -0.76 15.96 -7.74
N GLY B 109 -0.80 15.26 -6.63
CA GLY B 109 -0.66 15.91 -5.33
C GLY B 109 -1.04 14.91 -4.26
N SER B 110 -1.41 15.43 -3.10
CA SER B 110 -1.68 14.57 -1.95
C SER B 110 -3.12 14.03 -1.99
N LEU B 111 -3.42 13.30 -3.06
CA LEU B 111 -4.79 12.90 -3.37
C LEU B 111 -5.04 11.46 -2.93
N THR B 112 -5.92 11.28 -1.94
CA THR B 112 -6.09 9.96 -1.35
C THR B 112 -6.97 9.05 -2.21
N ILE B 113 -6.49 7.82 -2.46
CA ILE B 113 -7.27 6.79 -3.16
C ILE B 113 -8.37 6.28 -2.25
N ASN B 114 -9.63 6.37 -2.69
CA ASN B 114 -10.70 5.68 -1.98
C ASN B 114 -11.74 5.18 -2.97
N GLU B 115 -12.66 4.36 -2.47
CA GLU B 115 -13.59 3.67 -3.36
C GLU B 115 -14.44 4.66 -4.14
N GLU B 116 -15.03 5.66 -3.46
CA GLU B 116 -15.98 6.52 -4.19
C GLU B 116 -15.29 7.37 -5.25
N ARG B 117 -14.07 7.83 -4.98
CA ARG B 117 -13.32 8.54 -6.01
C ARG B 117 -12.97 7.62 -7.19
N SER B 118 -12.62 6.36 -6.89
CA SER B 118 -12.23 5.43 -7.94
C SER B 118 -13.40 5.10 -8.85
N GLU B 119 -14.62 5.42 -8.44
CA GLU B 119 -15.76 5.21 -9.32
C GLU B 119 -15.81 6.23 -10.46
N VAL B 120 -15.17 7.39 -10.31
CA VAL B 120 -15.29 8.44 -11.31
C VAL B 120 -13.96 8.79 -11.98
N VAL B 121 -12.83 8.41 -11.41
CA VAL B 121 -11.52 8.58 -12.04
C VAL B 121 -10.74 7.29 -11.89
N ASP B 122 -9.74 7.12 -12.74
CA ASP B 122 -8.76 6.07 -12.56
C ASP B 122 -7.62 6.60 -11.69
N PHE B 123 -7.09 5.75 -10.82
CA PHE B 123 -5.93 6.08 -10.01
C PHE B 123 -4.73 5.25 -10.43
N SER B 124 -3.57 5.89 -10.47
CA SER B 124 -2.31 5.15 -10.54
C SER B 124 -2.14 4.27 -9.29
N VAL B 125 -1.07 3.49 -9.31
CA VAL B 125 -0.66 2.73 -8.13
C VAL B 125 -0.38 3.77 -7.04
N PRO B 126 -0.55 3.42 -5.76
CA PRO B 126 -0.21 4.37 -4.69
C PRO B 126 1.28 4.65 -4.67
N PHE B 127 1.65 5.92 -4.49
CA PHE B 127 3.07 6.24 -4.42
C PHE B 127 3.49 6.78 -3.05
N VAL B 128 2.55 6.96 -2.14
CA VAL B 128 2.79 7.40 -0.76
C VAL B 128 1.73 6.71 0.09
N GLU B 129 2.13 6.03 1.17
CA GLU B 129 1.15 5.30 1.96
C GLU B 129 0.43 6.25 2.89
N THR B 130 -0.88 6.08 3.02
CA THR B 130 -1.59 6.92 3.96
C THR B 130 -2.79 6.15 4.50
N GLY B 131 -3.67 6.88 5.15
CA GLY B 131 -4.81 6.29 5.82
C GLY B 131 -5.33 7.30 6.81
N ILE B 132 -6.01 6.80 7.84
CA ILE B 132 -6.57 7.65 8.87
C ILE B 132 -5.81 7.39 10.15
N SER B 133 -5.18 8.44 10.69
CA SER B 133 -4.45 8.38 11.95
C SER B 133 -5.01 9.41 12.92
N VAL B 134 -4.50 9.36 14.13
CA VAL B 134 -4.96 10.22 15.23
C VAL B 134 -3.74 10.89 15.84
N MET B 135 -3.75 12.20 15.88
CA MET B 135 -2.72 12.98 16.54
C MET B 135 -3.18 13.43 17.92
N VAL B 136 -2.32 13.26 18.93
CA VAL B 136 -2.61 13.62 20.31
C VAL B 136 -1.35 14.21 20.93
N SER B 137 -1.51 14.76 22.13
CA SER B 137 -0.35 15.11 22.95
C SER B 137 0.27 13.82 23.50
N ARG B 138 1.59 13.74 23.45
CA ARG B 138 2.29 12.53 23.89
C ARG B 138 1.74 12.04 25.22
N GLY B 139 1.49 10.74 25.31
CA GLY B 139 0.94 10.15 26.52
C GLY B 139 -0.57 9.98 26.57
N THR B 140 -1.32 10.61 25.66
CA THR B 140 -2.76 10.49 25.69
C THR B 140 -3.18 9.04 25.47
N GLN B 141 -4.09 8.54 26.32
CA GLN B 141 -4.50 7.14 26.29
C GLN B 141 -5.69 6.98 25.34
N VAL B 142 -5.39 6.67 24.08
CA VAL B 142 -6.39 6.44 23.04
C VAL B 142 -5.94 5.25 22.21
N THR B 143 -6.76 4.19 22.19
CA THR B 143 -6.38 2.97 21.47
C THR B 143 -6.39 3.20 19.96
N GLY B 144 -7.42 3.86 19.44
CA GLY B 144 -7.53 4.09 18.02
C GLY B 144 -8.91 4.64 17.70
N LEU B 145 -9.27 4.57 16.41
CA LEU B 145 -10.57 5.08 15.98
C LEU B 145 -11.72 4.41 16.71
N SER B 146 -11.56 3.14 17.06
CA SER B 146 -12.59 2.39 17.74
C SER B 146 -12.62 2.62 19.24
N ASP B 147 -11.73 3.45 19.76
CA ASP B 147 -11.74 3.75 21.18
C ASP B 147 -13.12 4.24 21.60
N LYS B 148 -13.58 3.80 22.76
CA LYS B 148 -14.89 4.20 23.24
C LYS B 148 -14.96 5.71 23.44
N LYS B 149 -13.83 6.36 23.73
CA LYS B 149 -13.84 7.81 23.87
C LYS B 149 -14.27 8.49 22.58
N PHE B 150 -14.00 7.85 21.43
CA PHE B 150 -14.47 8.36 20.14
C PHE B 150 -15.86 7.83 19.78
N GLN B 151 -16.10 6.53 20.00
CA GLN B 151 -17.35 5.91 19.52
C GLN B 151 -18.56 6.36 20.32
N ARG B 152 -18.40 6.51 21.63
CA ARG B 152 -19.51 6.84 22.52
C ARG B 152 -19.06 8.01 23.39
N PRO B 153 -18.85 9.18 22.77
CA PRO B 153 -18.18 10.26 23.48
C PRO B 153 -18.86 10.69 24.76
N HIS B 154 -20.19 10.68 24.80
CA HIS B 154 -20.87 11.20 25.97
C HIS B 154 -20.93 10.21 27.11
N ASP B 155 -20.27 9.06 26.99
CA ASP B 155 -20.10 8.19 28.14
C ASP B 155 -19.04 8.71 29.11
N TYR B 156 -18.34 9.79 28.76
CA TYR B 156 -17.27 10.35 29.56
C TYR B 156 -17.61 11.77 29.99
N SER B 157 -17.25 12.10 31.22
CA SER B 157 -17.53 13.41 31.81
C SER B 157 -16.24 13.97 32.36
N PRO B 158 -15.66 15.02 31.75
CA PRO B 158 -16.17 15.62 30.52
C PRO B 158 -15.87 14.76 29.30
N PRO B 159 -16.60 14.98 28.22
CA PRO B 159 -16.36 14.19 27.01
C PRO B 159 -15.06 14.58 26.31
N PHE B 160 -14.51 13.63 25.59
CA PHE B 160 -13.32 13.83 24.79
C PHE B 160 -13.58 14.81 23.65
N ARG B 161 -12.64 15.73 23.41
CA ARG B 161 -12.81 16.79 22.41
C ARG B 161 -11.92 16.44 21.22
N PHE B 162 -12.56 16.12 20.08
CA PHE B 162 -11.77 15.68 18.94
C PHE B 162 -12.47 16.11 17.65
N GLY B 163 -11.68 16.37 16.62
CA GLY B 163 -12.29 16.82 15.38
C GLY B 163 -11.38 16.51 14.21
N THR B 164 -11.86 16.90 13.03
CA THR B 164 -11.13 16.73 11.79
C THR B 164 -11.25 18.02 10.99
N VAL B 165 -10.60 18.05 9.84
CA VAL B 165 -10.84 19.07 8.82
C VAL B 165 -11.87 18.50 7.86
N PRO B 166 -13.04 19.11 7.71
CA PRO B 166 -14.12 18.49 6.94
C PRO B 166 -13.85 18.46 5.43
N ASN B 167 -14.69 17.68 4.76
CA ASN B 167 -14.90 17.65 3.32
C ASN B 167 -13.86 16.85 2.54
N GLY B 168 -13.02 16.08 3.21
CA GLY B 168 -12.10 15.21 2.50
C GLY B 168 -12.34 13.74 2.79
N SER B 169 -11.37 12.90 2.42
CA SER B 169 -11.58 11.46 2.52
C SER B 169 -11.75 11.03 3.97
N THR B 170 -11.17 11.76 4.92
CA THR B 170 -11.26 11.33 6.31
C THR B 170 -12.67 11.52 6.84
N GLU B 171 -13.25 12.69 6.65
CA GLU B 171 -14.62 12.90 7.11
C GLU B 171 -15.59 11.94 6.43
N ARG B 172 -15.39 11.72 5.12
CA ARG B 172 -16.26 10.79 4.41
C ARG B 172 -16.25 9.42 5.08
N ASN B 173 -15.07 8.95 5.47
CA ASN B 173 -14.97 7.62 6.06
C ASN B 173 -15.66 7.58 7.42
N ILE B 174 -15.45 8.62 8.24
CA ILE B 174 -16.07 8.63 9.56
C ILE B 174 -17.58 8.73 9.43
N ARG B 175 -18.05 9.58 8.53
CA ARG B 175 -19.49 9.70 8.32
C ARG B 175 -20.11 8.35 7.97
N ASN B 176 -19.42 7.55 7.12
CA ASN B 176 -19.98 6.28 6.70
CA ASN B 176 -19.98 6.28 6.70
C ASN B 176 -19.84 5.20 7.77
N ASN B 177 -18.78 5.23 8.56
CA ASN B 177 -18.49 4.14 9.48
C ASN B 177 -19.01 4.36 10.89
N TYR B 178 -19.00 5.60 11.39
CA TYR B 178 -19.28 5.88 12.80
C TYR B 178 -20.26 7.03 12.90
N PRO B 179 -21.56 6.76 12.69
CA PRO B 179 -22.51 7.87 12.58
C PRO B 179 -22.60 8.73 13.83
N TYR B 180 -22.58 8.11 15.03
CA TYR B 180 -22.72 8.92 16.23
C TYR B 180 -21.46 9.74 16.46
N MET B 181 -20.29 9.12 16.29
CA MET B 181 -19.03 9.85 16.39
C MET B 181 -19.03 11.05 15.45
N HIS B 182 -19.45 10.83 14.21
CA HIS B 182 -19.40 11.89 13.21
C HIS B 182 -20.27 13.08 13.62
N GLN B 183 -21.50 12.82 14.04
CA GLN B 183 -22.38 13.94 14.35
C GLN B 183 -21.93 14.65 15.61
N TYR B 184 -21.25 13.93 16.52
CA TYR B 184 -20.64 14.58 17.68
C TYR B 184 -19.48 15.48 17.26
N MET B 185 -18.62 14.99 16.37
CA MET B 185 -17.35 15.64 16.01
C MET B 185 -17.53 16.98 15.35
N THR B 186 -18.65 17.20 14.68
CA THR B 186 -18.67 18.33 13.79
C THR B 186 -18.61 19.65 14.55
N ARG B 187 -18.94 19.68 15.84
CA ARG B 187 -18.73 20.92 16.58
C ARG B 187 -17.26 21.26 16.76
N PHE B 188 -16.35 20.31 16.49
CA PHE B 188 -14.91 20.53 16.59
C PHE B 188 -14.23 20.56 15.23
N ASN B 189 -14.99 20.71 14.13
CA ASN B 189 -14.40 20.88 12.81
C ASN B 189 -13.32 21.94 12.86
N GLN B 190 -12.20 21.68 12.20
CA GLN B 190 -11.08 22.60 12.10
C GLN B 190 -10.98 23.13 10.68
N ARG B 191 -10.71 24.42 10.54
CA ARG B 191 -10.73 24.99 9.19
C ARG B 191 -9.55 24.50 8.36
N GLY B 192 -8.47 24.07 9.00
CA GLY B 192 -7.32 23.55 8.29
C GLY B 192 -6.36 22.94 9.29
N VAL B 193 -5.31 22.32 8.75
CA VAL B 193 -4.38 21.59 9.59
C VAL B 193 -3.67 22.52 10.57
N GLU B 194 -3.31 23.72 10.14
CA GLU B 194 -2.56 24.60 11.05
C GLU B 194 -3.42 25.01 12.24
N ASP B 195 -4.70 25.32 12.01
CA ASP B 195 -5.61 25.58 13.12
C ASP B 195 -5.69 24.40 14.07
N ALA B 196 -5.79 23.18 13.51
CA ALA B 196 -5.94 22.00 14.37
C ALA B 196 -4.73 21.82 15.26
N LEU B 197 -3.52 22.02 14.71
CA LEU B 197 -2.31 21.87 15.52
C LEU B 197 -2.27 22.90 16.65
N VAL B 198 -2.73 24.13 16.38
CA VAL B 198 -2.80 25.11 17.46
C VAL B 198 -3.84 24.69 18.50
N SER B 199 -4.99 24.17 18.07
CA SER B 199 -5.98 23.74 19.07
C SER B 199 -5.42 22.63 19.96
N LEU B 200 -4.69 21.68 19.37
CA LEU B 200 -4.07 20.62 20.17
C LEU B 200 -3.04 21.17 21.15
N LYS B 201 -2.13 22.00 20.65
CA LYS B 201 -1.02 22.44 21.48
C LYS B 201 -1.49 23.31 22.64
N THR B 202 -2.61 24.02 22.48
CA THR B 202 -3.11 24.93 23.49
C THR B 202 -4.24 24.34 24.32
N GLY B 203 -4.57 23.06 24.14
CA GLY B 203 -5.50 22.40 25.01
C GLY B 203 -6.97 22.57 24.67
N LYS B 204 -7.30 23.15 23.52
CA LYS B 204 -8.69 23.25 23.11
C LYS B 204 -9.20 21.96 22.45
N LEU B 205 -8.29 21.07 22.08
CA LEU B 205 -8.65 19.80 21.45
C LEU B 205 -7.82 18.71 22.09
N ASP B 206 -8.42 17.53 22.25
CA ASP B 206 -7.69 16.38 22.78
C ASP B 206 -7.11 15.52 21.67
N ALA B 207 -7.72 15.49 20.49
CA ALA B 207 -7.25 14.65 19.40
C ALA B 207 -7.65 15.24 18.07
N PHE B 208 -6.83 14.99 17.05
CA PHE B 208 -7.09 15.46 15.69
C PHE B 208 -7.00 14.25 14.77
N ILE B 209 -8.12 13.92 14.10
CA ILE B 209 -8.22 12.73 13.25
C ILE B 209 -8.06 13.18 11.81
N TYR B 210 -7.08 12.64 11.09
CA TYR B 210 -6.81 13.18 9.76
C TYR B 210 -5.90 12.23 8.98
N ASP B 211 -5.57 12.66 7.77
CA ASP B 211 -4.70 11.92 6.86
C ASP B 211 -3.38 11.53 7.50
N ALA B 212 -3.02 10.24 7.40
CA ALA B 212 -1.83 9.75 8.09
C ALA B 212 -0.55 10.41 7.57
N ALA B 213 -0.38 10.52 6.25
CA ALA B 213 0.89 11.03 5.75
C ALA B 213 1.12 12.45 6.23
N VAL B 214 0.08 13.29 6.19
CA VAL B 214 0.21 14.65 6.69
C VAL B 214 0.48 14.65 8.20
N LEU B 215 -0.27 13.86 8.96
CA LEU B 215 -0.05 13.90 10.40
C LEU B 215 1.35 13.41 10.76
N ASN B 216 1.86 12.40 10.05
CA ASN B 216 3.21 11.92 10.33
C ASN B 216 4.25 12.99 10.03
N TYR B 217 4.04 13.75 8.96
CA TYR B 217 4.97 14.84 8.65
C TYR B 217 4.92 15.94 9.70
N LYS B 218 3.73 16.34 10.12
CA LYS B 218 3.62 17.37 11.15
C LYS B 218 4.19 16.89 12.49
N ALA B 219 3.97 15.62 12.83
CA ALA B 219 4.56 15.11 14.06
C ALA B 219 6.09 15.17 14.02
N GLY B 220 6.67 14.90 12.84
CA GLY B 220 8.12 14.94 12.72
C GLY B 220 8.72 16.32 12.86
N ARG B 221 7.93 17.37 12.62
CA ARG B 221 8.39 18.75 12.71
C ARG B 221 7.93 19.46 13.96
N ASP B 222 7.25 18.80 14.89
CA ASP B 222 6.61 19.52 15.98
C ASP B 222 7.65 20.06 16.96
N GLU B 223 7.53 21.35 17.31
CA GLU B 223 8.45 22.00 18.24
C GLU B 223 8.36 21.35 19.61
N GLY B 224 9.43 20.69 20.03
CA GLY B 224 9.43 19.93 21.26
C GLY B 224 9.00 18.49 21.11
N CYS B 225 8.55 18.08 19.92
CA CYS B 225 8.12 16.72 19.70
C CYS B 225 7.06 16.31 20.71
N LYS B 226 6.12 17.23 20.96
CA LYS B 226 5.04 16.99 21.91
C LYS B 226 3.82 16.34 21.27
N LEU B 227 3.59 16.55 19.98
CA LEU B 227 2.44 15.96 19.30
C LEU B 227 2.88 14.72 18.54
N VAL B 228 2.13 13.63 18.70
CA VAL B 228 2.48 12.32 18.14
C VAL B 228 1.23 11.71 17.54
N THR B 229 1.44 10.74 16.64
CA THR B 229 0.33 9.93 16.19
C THR B 229 0.25 8.65 17.03
N ILE B 230 -0.97 8.19 17.27
CA ILE B 230 -1.19 7.10 18.22
C ILE B 230 -0.75 5.77 17.63
N GLY B 231 -0.47 4.82 18.53
CA GLY B 231 -0.15 3.46 18.14
C GLY B 231 1.19 3.28 17.45
N SER B 232 2.19 4.07 17.83
CA SER B 232 3.47 4.07 17.13
C SER B 232 3.27 4.34 15.64
N GLY B 233 2.23 5.11 15.31
CA GLY B 233 1.94 5.44 13.94
C GLY B 233 0.96 4.48 13.28
N TYR B 234 -0.03 4.02 14.04
CA TYR B 234 -1.03 3.12 13.48
C TYR B 234 -1.93 3.86 12.48
N ILE B 235 -2.49 3.10 11.54
CA ILE B 235 -3.29 3.67 10.46
C ILE B 235 -4.53 2.81 10.26
N PHE B 236 -5.70 3.42 10.28
CA PHE B 236 -6.93 2.76 9.87
C PHE B 236 -7.19 2.98 8.38
N ALA B 237 -7.75 1.97 7.74
CA ALA B 237 -8.13 2.06 6.33
C ALA B 237 -6.92 2.45 5.47
N THR B 238 -5.89 1.61 5.53
CA THR B 238 -4.65 1.89 4.80
C THR B 238 -4.94 2.03 3.31
N THR B 239 -4.31 3.03 2.70
CA THR B 239 -4.43 3.31 1.27
C THR B 239 -3.16 4.08 0.87
N GLY B 240 -3.27 4.89 -0.17
CA GLY B 240 -2.13 5.68 -0.59
C GLY B 240 -2.62 6.91 -1.33
N TYR B 241 -1.69 7.83 -1.57
CA TYR B 241 -1.91 8.87 -2.58
C TYR B 241 -1.72 8.26 -3.95
N GLY B 242 -2.53 8.67 -4.91
CA GLY B 242 -2.37 8.20 -6.27
C GLY B 242 -2.57 9.33 -7.25
N ILE B 243 -2.01 9.18 -8.43
CA ILE B 243 -2.28 10.11 -9.52
C ILE B 243 -3.66 9.79 -10.08
N ALA B 244 -4.52 10.81 -10.17
CA ALA B 244 -5.86 10.63 -10.70
C ALA B 244 -5.86 10.96 -12.19
N LEU B 245 -6.43 10.05 -12.99
CA LEU B 245 -6.55 10.23 -14.43
C LEU B 245 -8.00 10.04 -14.85
N GLN B 246 -8.33 10.54 -16.04
CA GLN B 246 -9.67 10.29 -16.59
C GLN B 246 -9.87 8.81 -16.82
N LYS B 247 -11.10 8.35 -16.57
CA LYS B 247 -11.43 6.96 -16.78
C LYS B 247 -11.04 6.54 -18.19
N GLY B 248 -10.35 5.40 -18.29
CA GLY B 248 -9.87 4.95 -19.59
C GLY B 248 -8.69 5.69 -20.15
N SER B 249 -7.93 6.42 -19.32
CA SER B 249 -6.87 7.26 -19.85
C SER B 249 -5.78 6.41 -20.49
N PRO B 250 -5.25 6.83 -21.65
CA PRO B 250 -4.12 6.11 -22.25
C PRO B 250 -2.80 6.37 -21.56
N TRP B 251 -2.76 7.24 -20.55
CA TRP B 251 -1.52 7.49 -19.83
C TRP B 251 -1.34 6.57 -18.62
N LYS B 252 -2.41 5.92 -18.16
CA LYS B 252 -2.32 5.20 -16.89
C LYS B 252 -1.24 4.12 -16.93
N ARG B 253 -1.18 3.35 -18.02
CA ARG B 253 -0.29 2.18 -18.01
C ARG B 253 1.17 2.59 -17.80
N GLN B 254 1.66 3.55 -18.60
CA GLN B 254 3.04 3.96 -18.47
C GLN B 254 3.29 4.72 -17.17
N ILE B 255 2.31 5.48 -16.68
CA ILE B 255 2.46 6.16 -15.40
CA ILE B 255 2.49 6.16 -15.41
C ILE B 255 2.67 5.14 -14.30
N ASP B 256 1.85 4.08 -14.29
CA ASP B 256 1.99 3.04 -13.28
C ASP B 256 3.36 2.36 -13.35
N LEU B 257 3.77 1.96 -14.55
CA LEU B 257 5.06 1.31 -14.67
C LEU B 257 6.18 2.24 -14.22
N ALA B 258 6.08 3.53 -14.55
CA ALA B 258 7.12 4.46 -14.13
C ALA B 258 7.17 4.58 -12.61
N LEU B 259 6.00 4.81 -11.98
CA LEU B 259 5.97 4.87 -10.52
C LEU B 259 6.58 3.62 -9.88
N LEU B 260 6.21 2.43 -10.39
CA LEU B 260 6.75 1.20 -9.83
C LEU B 260 8.25 1.09 -10.06
N GLN B 261 8.76 1.62 -11.17
CA GLN B 261 10.20 1.62 -11.38
C GLN B 261 10.89 2.54 -10.38
N PHE B 262 10.31 3.73 -10.11
CA PHE B 262 10.92 4.62 -9.12
C PHE B 262 10.99 3.95 -7.76
N VAL B 263 9.92 3.26 -7.37
CA VAL B 263 9.90 2.55 -6.09
C VAL B 263 10.97 1.47 -6.08
N GLY B 264 10.96 0.60 -7.10
CA GLY B 264 11.88 -0.52 -7.11
C GLY B 264 13.33 -0.13 -7.24
N ASP B 265 13.62 1.07 -7.75
CA ASP B 265 14.99 1.51 -7.94
C ASP B 265 15.49 2.40 -6.82
N GLY B 266 14.76 2.49 -5.71
CA GLY B 266 15.15 3.32 -4.59
C GLY B 266 14.93 4.81 -4.74
N GLU B 267 14.45 5.28 -5.90
CA GLU B 267 14.27 6.72 -6.09
C GLU B 267 13.19 7.30 -5.17
N MET B 268 12.19 6.51 -4.80
CA MET B 268 11.14 7.04 -3.92
C MET B 268 11.66 7.27 -2.51
N GLU B 269 12.51 6.37 -2.01
CA GLU B 269 13.07 6.55 -0.67
C GLU B 269 13.91 7.83 -0.59
N GLU B 270 14.60 8.18 -1.68
CA GLU B 270 15.34 9.44 -1.69
C GLU B 270 14.40 10.64 -1.52
N LEU B 271 13.29 10.64 -2.25
CA LEU B 271 12.34 11.75 -2.11
C LEU B 271 11.75 11.78 -0.71
N GLU B 272 11.49 10.61 -0.12
CA GLU B 272 11.02 10.56 1.25
C GLU B 272 12.04 11.21 2.19
N THR B 273 13.30 10.85 2.06
CA THR B 273 14.32 11.48 2.90
C THR B 273 14.43 12.98 2.61
N LEU B 274 14.24 13.38 1.35
CA LEU B 274 14.38 14.80 1.01
C LEU B 274 13.26 15.63 1.60
N TRP B 275 12.03 15.14 1.56
CA TRP B 275 10.85 15.97 1.84
C TRP B 275 10.09 15.59 3.12
N LEU B 276 10.13 14.33 3.54
CA LEU B 276 9.19 13.85 4.56
C LEU B 276 9.84 13.53 5.91
N THR B 277 11.16 13.40 5.97
CA THR B 277 11.83 13.12 7.23
C THR B 277 11.79 14.32 8.16
N GLY B 278 11.58 14.05 9.44
CA GLY B 278 11.53 15.10 10.42
C GLY B 278 12.45 14.79 11.60
N ILE B 279 12.74 15.84 12.37
CA ILE B 279 13.63 15.71 13.52
C ILE B 279 13.12 14.65 14.49
N CYS B 280 11.85 14.72 14.87
CA CYS B 280 11.30 13.76 15.83
C CYS B 280 11.15 12.38 15.23
#